data_8X3K
#
_entry.id   8X3K
#
_cell.length_a   1.00
_cell.length_b   1.00
_cell.length_c   1.00
_cell.angle_alpha   90.00
_cell.angle_beta   90.00
_cell.angle_gamma   90.00
#
_symmetry.space_group_name_H-M   'P 1'
#
loop_
_entity.id
_entity.type
_entity.pdbx_description
1 polymer 'Soluble cytochrome b562,Synaptic vesicular amine transporter'
2 non-polymer SEROTONIN
#
_entity_poly.entity_id   1
_entity_poly.type   'polypeptide(L)'
_entity_poly.pdbx_seq_one_letter_code
;MADLEDNWETLNDNLKVIEKADNAAQVKDALTKMRAAALDAQKATPPKLEDKSPDSPEMKDFRHGFDILVGQIDDALKLA
NEGKVKEAQAAAEQLKTTRNAYIQKYLLQESRRSRKLILFIVFLALLLDNMLLTVVVPIIPSYLYSIKHEKNATEIQTAR
PVHTASISDSFQSIFSYYDNSTMVTGNATRDLTLHQTATQHMVTNASAVPSDCPSEDKDLLNENVQVGLLFASKATVQLI
TNPFIGLLTNRIGYPIPIFAGFCIMFVSTIMFAFSSSYAFLLIARSLQGIGSSCSSVAGMGMLASVYTDDEERGNVMGIA
LGGLAMGVLVGPPFGSVLYEFVGKTAPFLVLAALVLLDGAIQLFVLQPSRVQPESQKGTPLTTLLKDPYILIAAGSICFA
NMGIAMLEPALPIWMMETMCSRKWQLGVAFLPASISYLIGTNIFGILAHKMGRWLCALLGMIIVGVSILCIPFAKNIYGL
IAPNFGVGFAIGMVDSSMMPIMGYLVDLRHVSVYGSVYAIADVAFCMGYAIGPSAGGAIAKAIGFPWLMTIIGIIDILFA
PLCFFLRSPPAKEEKMAILMDHNCPIKTKMYTQNNIQSYPIGEDEESESDHHHHHHHHHHGSVEDYKDDDDK
;
_entity_poly.pdbx_strand_id   A
#
# COMPACT_ATOMS: atom_id res chain seq x y z
N SER A 114 -16.11 -19.88 0.15
CA SER A 114 -16.47 -19.20 -1.08
C SER A 114 -15.45 -18.13 -1.43
N ARG A 115 -15.86 -17.16 -2.25
CA ARG A 115 -14.93 -16.13 -2.69
C ARG A 115 -14.92 -14.94 -1.74
N LYS A 116 -16.08 -14.55 -1.20
CA LYS A 116 -16.12 -13.42 -0.31
C LYS A 116 -15.31 -13.66 0.94
N LEU A 117 -15.13 -14.93 1.33
CA LEU A 117 -14.23 -15.24 2.44
C LEU A 117 -12.77 -15.01 2.07
N ILE A 118 -12.39 -15.28 0.83
CA ILE A 118 -11.05 -14.93 0.37
C ILE A 118 -10.87 -13.42 0.39
N LEU A 119 -11.90 -12.68 -0.04
CA LEU A 119 -11.83 -11.22 0.00
C LEU A 119 -11.68 -10.72 1.42
N PHE A 120 -12.41 -11.32 2.36
CA PHE A 120 -12.30 -10.92 3.76
C PHE A 120 -10.93 -11.24 4.33
N ILE A 121 -10.38 -12.40 3.96
CA ILE A 121 -9.04 -12.77 4.43
C ILE A 121 -8.00 -11.78 3.93
N VAL A 122 -8.05 -11.42 2.65
CA VAL A 122 -7.10 -10.44 2.11
C VAL A 122 -7.26 -9.07 2.76
N PHE A 123 -8.52 -8.63 2.92
CA PHE A 123 -8.79 -7.35 3.59
C PHE A 123 -8.21 -7.35 4.99
N LEU A 124 -8.43 -8.42 5.74
CA LEU A 124 -7.98 -8.48 7.12
C LEU A 124 -6.46 -8.55 7.21
N ALA A 125 -5.83 -9.30 6.30
CA ALA A 125 -4.37 -9.35 6.28
C ALA A 125 -3.79 -7.96 6.05
N LEU A 126 -4.31 -7.25 5.05
CA LEU A 126 -3.80 -5.92 4.75
C LEU A 126 -4.08 -4.94 5.88
N LEU A 127 -5.26 -5.05 6.51
CA LEU A 127 -5.61 -4.18 7.61
C LEU A 127 -4.69 -4.38 8.80
N LEU A 128 -4.43 -5.63 9.17
CA LEU A 128 -3.53 -5.89 10.28
C LEU A 128 -2.10 -5.51 9.96
N ASP A 129 -1.67 -5.74 8.71
CA ASP A 129 -0.32 -5.34 8.30
C ASP A 129 -0.14 -3.84 8.46
N ASN A 130 -1.10 -3.05 7.99
CA ASN A 130 -0.95 -1.60 8.11
C ASN A 130 -1.19 -1.09 9.52
N MET A 131 -2.05 -1.73 10.30
CA MET A 131 -2.19 -1.36 11.70
C MET A 131 -0.89 -1.57 12.45
N LEU A 132 -0.19 -2.68 12.19
CA LEU A 132 1.11 -2.89 12.81
C LEU A 132 2.12 -1.86 12.33
N LEU A 133 2.22 -1.66 11.01
CA LEU A 133 3.13 -0.68 10.45
C LEU A 133 2.91 0.71 11.04
N THR A 134 1.69 1.04 11.43
CA THR A 134 1.42 2.38 11.94
C THR A 134 1.42 2.48 13.46
N VAL A 135 1.24 1.37 14.20
CA VAL A 135 1.40 1.45 15.64
C VAL A 135 2.89 1.39 16.00
N VAL A 136 3.71 0.85 15.10
CA VAL A 136 5.15 0.81 15.39
C VAL A 136 5.76 2.20 15.32
N VAL A 137 5.30 3.05 14.41
CA VAL A 137 6.00 4.29 14.08
C VAL A 137 6.00 5.32 15.21
N PRO A 138 5.00 5.39 16.13
CA PRO A 138 5.13 6.34 17.25
C PRO A 138 6.04 5.83 18.35
N ILE A 139 6.28 4.53 18.39
CA ILE A 139 7.07 3.94 19.47
C ILE A 139 8.56 4.00 19.15
N ILE A 140 8.92 3.93 17.87
CA ILE A 140 10.31 3.77 17.44
C ILE A 140 11.20 4.90 17.96
N PRO A 141 10.88 6.18 17.75
CA PRO A 141 11.75 7.22 18.33
C PRO A 141 11.68 7.24 19.85
N SER A 142 10.62 6.70 20.44
CA SER A 142 10.48 6.70 21.89
C SER A 142 10.93 5.36 22.48
N GLY A 228 16.49 5.88 11.41
CA GLY A 228 16.47 6.23 10.00
C GLY A 228 16.38 5.02 9.09
N LEU A 229 17.33 4.09 9.26
CA LEU A 229 17.30 2.86 8.50
C LEU A 229 16.11 2.00 8.90
N LEU A 230 15.72 2.05 10.17
CA LEU A 230 14.60 1.25 10.66
C LEU A 230 13.31 1.61 9.96
N PHE A 231 13.16 2.88 9.56
CA PHE A 231 11.92 3.31 8.92
C PHE A 231 11.78 2.73 7.52
N ALA A 232 12.87 2.65 6.78
CA ALA A 232 12.86 2.12 5.43
C ALA A 232 13.13 0.62 5.38
N SER A 233 13.41 -0.01 6.52
CA SER A 233 13.80 -1.41 6.52
C SER A 233 12.68 -2.31 6.04
N LYS A 234 11.47 -2.16 6.58
CA LYS A 234 10.37 -3.00 6.16
C LYS A 234 10.08 -2.86 4.68
N ALA A 235 9.99 -1.61 4.21
CA ALA A 235 9.65 -1.39 2.82
C ALA A 235 10.72 -1.94 1.89
N THR A 236 12.00 -1.79 2.24
CA THR A 236 13.03 -2.29 1.33
C THR A 236 13.11 -3.81 1.36
N VAL A 237 12.88 -4.44 2.51
CA VAL A 237 12.90 -5.90 2.52
C VAL A 237 11.70 -6.46 1.77
N GLN A 238 10.55 -5.80 1.87
CA GLN A 238 9.39 -6.23 1.09
C GLN A 238 9.62 -6.02 -0.40
N LEU A 239 10.28 -4.92 -0.77
CA LEU A 239 10.60 -4.70 -2.17
C LEU A 239 11.56 -5.76 -2.69
N ILE A 240 12.49 -6.21 -1.84
CA ILE A 240 13.40 -7.28 -2.26
C ILE A 240 12.65 -8.59 -2.44
N THR A 241 11.80 -8.95 -1.48
CA THR A 241 11.16 -10.27 -1.50
C THR A 241 9.79 -10.28 -2.18
N ASN A 242 9.43 -9.22 -2.89
CA ASN A 242 8.22 -9.27 -3.72
C ASN A 242 8.37 -10.19 -4.93
N PRO A 243 9.38 -10.01 -5.80
CA PRO A 243 9.45 -10.86 -6.99
C PRO A 243 9.65 -12.34 -6.69
N PHE A 244 10.33 -12.64 -5.59
CA PHE A 244 10.47 -14.03 -5.19
C PHE A 244 9.12 -14.66 -4.88
N ILE A 245 8.28 -13.95 -4.13
CA ILE A 245 6.94 -14.45 -3.85
C ILE A 245 6.12 -14.52 -5.13
N GLY A 246 6.34 -13.57 -6.05
CA GLY A 246 5.63 -13.60 -7.31
C GLY A 246 5.95 -14.85 -8.12
N LEU A 247 7.21 -15.25 -8.13
CA LEU A 247 7.60 -16.46 -8.84
C LEU A 247 7.28 -17.71 -8.03
N LEU A 248 7.05 -17.55 -6.73
CA LEU A 248 6.77 -18.70 -5.88
C LEU A 248 5.31 -19.11 -5.89
N THR A 249 4.40 -18.13 -5.97
CA THR A 249 2.97 -18.45 -5.96
C THR A 249 2.59 -19.28 -7.17
N ASN A 250 3.37 -19.18 -8.24
CA ASN A 250 3.10 -19.99 -9.43
C ASN A 250 3.65 -21.39 -9.27
N ARG A 251 4.50 -21.61 -8.27
CA ARG A 251 5.10 -22.93 -8.08
C ARG A 251 4.44 -23.72 -6.96
N ILE A 252 3.98 -23.06 -5.90
CA ILE A 252 3.36 -23.82 -4.82
C ILE A 252 1.88 -23.48 -4.70
N GLY A 253 1.45 -22.40 -5.31
CA GLY A 253 0.07 -21.95 -5.22
C GLY A 253 -0.03 -20.69 -4.41
N TYR A 254 -1.25 -20.17 -4.32
CA TYR A 254 -1.53 -19.00 -3.51
C TYR A 254 -1.73 -19.30 -2.03
N PRO A 255 -2.45 -20.39 -1.64
CA PRO A 255 -2.74 -20.59 -0.21
C PRO A 255 -1.54 -20.70 0.72
N ILE A 256 -0.41 -21.23 0.26
CA ILE A 256 0.71 -21.46 1.16
C ILE A 256 1.53 -20.19 1.39
N PRO A 257 1.93 -19.44 0.35
CA PRO A 257 2.63 -18.18 0.62
C PRO A 257 1.75 -17.08 1.16
N ILE A 258 0.43 -17.25 1.16
CA ILE A 258 -0.43 -16.30 1.84
C ILE A 258 -0.63 -16.68 3.31
N PHE A 259 -0.49 -17.95 3.65
CA PHE A 259 -0.57 -18.39 5.04
C PHE A 259 0.76 -18.23 5.77
N ALA A 260 1.88 -18.39 5.08
CA ALA A 260 3.16 -18.07 5.70
C ALA A 260 3.22 -16.59 6.06
N GLY A 261 2.35 -15.79 5.47
CA GLY A 261 2.30 -14.38 5.78
C GLY A 261 1.64 -14.08 7.10
N PHE A 262 1.04 -15.08 7.74
CA PHE A 262 0.47 -14.87 9.06
C PHE A 262 1.41 -15.41 10.11
N CYS A 263 2.23 -16.39 9.76
CA CYS A 263 3.20 -16.91 10.69
C CYS A 263 4.38 -15.98 10.75
N ILE A 264 4.68 -15.30 9.66
CA ILE A 264 5.76 -14.31 9.70
C ILE A 264 5.30 -13.02 10.36
N MET A 265 4.09 -12.55 10.07
CA MET A 265 3.61 -11.34 10.72
C MET A 265 3.34 -11.55 12.21
N PHE A 266 2.92 -12.76 12.61
CA PHE A 266 2.75 -13.04 14.03
C PHE A 266 4.09 -13.09 14.75
N VAL A 267 5.10 -13.69 14.14
CA VAL A 267 6.42 -13.69 14.76
C VAL A 267 6.95 -12.26 14.87
N SER A 268 6.75 -11.46 13.83
CA SER A 268 7.19 -10.07 13.90
C SER A 268 6.48 -9.33 15.00
N THR A 269 5.16 -9.50 15.09
CA THR A 269 4.37 -8.80 16.09
C THR A 269 4.85 -9.14 17.50
N ILE A 270 4.96 -10.42 17.84
CA ILE A 270 5.47 -10.78 19.15
C ILE A 270 6.92 -10.35 19.36
N MET A 271 7.74 -10.30 18.31
CA MET A 271 9.10 -9.81 18.47
C MET A 271 9.15 -8.33 18.74
N PHE A 272 8.15 -7.57 18.29
CA PHE A 272 8.10 -6.15 18.60
C PHE A 272 7.80 -5.91 20.07
N ALA A 273 6.96 -6.74 20.68
CA ALA A 273 6.47 -6.47 22.03
C ALA A 273 7.49 -6.82 23.10
N PHE A 274 8.46 -7.68 22.81
CA PHE A 274 9.41 -8.12 23.81
C PHE A 274 10.84 -7.80 23.40
N SER A 275 11.06 -6.62 22.82
CA SER A 275 12.37 -6.24 22.32
C SER A 275 12.79 -4.89 22.89
N SER A 276 14.09 -4.77 23.17
CA SER A 276 14.70 -3.54 23.64
C SER A 276 15.78 -3.03 22.70
N SER A 277 16.61 -3.93 22.18
CA SER A 277 17.74 -3.53 21.38
C SER A 277 17.29 -2.97 20.03
N TYR A 278 18.21 -2.24 19.38
CA TYR A 278 17.93 -1.72 18.05
C TYR A 278 18.04 -2.80 16.98
N ALA A 279 18.98 -3.73 17.13
CA ALA A 279 19.09 -4.83 16.18
C ALA A 279 17.82 -5.66 16.15
N PHE A 280 17.20 -5.87 17.32
CA PHE A 280 16.01 -6.69 17.35
C PHE A 280 14.81 -5.98 16.77
N LEU A 281 14.72 -4.66 16.94
CA LEU A 281 13.67 -3.91 16.26
C LEU A 281 13.87 -3.94 14.76
N LEU A 282 15.11 -3.85 14.30
CA LEU A 282 15.37 -3.95 12.87
C LEU A 282 14.98 -5.32 12.33
N ILE A 283 15.28 -6.38 13.09
CA ILE A 283 14.90 -7.72 12.68
C ILE A 283 13.38 -7.86 12.64
N ALA A 284 12.69 -7.30 13.63
CA ALA A 284 11.24 -7.38 13.66
C ALA A 284 10.63 -6.65 12.46
N ARG A 285 11.15 -5.49 12.11
CA ARG A 285 10.61 -4.76 10.97
C ARG A 285 10.95 -5.43 9.64
N SER A 286 12.11 -6.10 9.53
CA SER A 286 12.39 -6.86 8.32
C SER A 286 11.48 -8.09 8.20
N LEU A 287 11.20 -8.75 9.33
CA LEU A 287 10.26 -9.87 9.29
C LEU A 287 8.87 -9.39 8.91
N GLN A 288 8.46 -8.24 9.43
CA GLN A 288 7.19 -7.67 9.00
C GLN A 288 7.20 -7.38 7.51
N GLY A 289 8.35 -6.97 6.98
CA GLY A 289 8.45 -6.74 5.55
C GLY A 289 8.24 -8.01 4.73
N ILE A 290 8.89 -9.10 5.15
CA ILE A 290 8.71 -10.37 4.44
C ILE A 290 7.27 -10.84 4.54
N GLY A 291 6.68 -10.80 5.72
CA GLY A 291 5.29 -11.16 5.85
C GLY A 291 4.44 -10.35 4.90
N SER A 292 4.40 -9.04 5.09
CA SER A 292 3.62 -8.18 4.21
C SER A 292 3.82 -8.51 2.75
N SER A 293 5.03 -8.81 2.31
CA SER A 293 5.24 -9.21 0.93
C SER A 293 4.42 -10.43 0.62
N CYS A 294 4.57 -11.45 1.44
CA CYS A 294 3.76 -12.65 1.26
C CYS A 294 2.28 -12.31 1.21
N SER A 295 1.74 -11.65 2.22
CA SER A 295 0.30 -11.39 2.27
C SER A 295 -0.24 -10.43 1.22
N SER A 296 0.52 -9.42 0.82
CA SER A 296 0.02 -8.57 -0.25
C SER A 296 0.09 -9.24 -1.61
N VAL A 297 1.26 -9.76 -1.99
CA VAL A 297 1.38 -10.36 -3.32
C VAL A 297 0.50 -11.59 -3.46
N ALA A 298 0.59 -12.54 -2.53
CA ALA A 298 -0.19 -13.77 -2.66
C ALA A 298 -1.69 -13.48 -2.53
N GLY A 299 -2.08 -12.51 -1.71
CA GLY A 299 -3.49 -12.22 -1.55
C GLY A 299 -4.09 -11.52 -2.75
N MET A 300 -3.37 -10.55 -3.31
CA MET A 300 -3.87 -9.92 -4.53
C MET A 300 -3.88 -10.88 -5.69
N GLY A 301 -2.87 -11.76 -5.78
CA GLY A 301 -2.92 -12.80 -6.78
C GLY A 301 -4.12 -13.71 -6.62
N MET A 302 -4.41 -14.12 -5.38
CA MET A 302 -5.56 -14.98 -5.14
C MET A 302 -6.85 -14.27 -5.50
N LEU A 303 -6.98 -13.00 -5.12
CA LEU A 303 -8.19 -12.25 -5.46
C LEU A 303 -8.38 -12.15 -6.96
N ALA A 304 -7.30 -11.89 -7.68
CA ALA A 304 -7.40 -11.79 -9.14
C ALA A 304 -7.67 -13.15 -9.77
N SER A 305 -7.29 -14.23 -9.10
CA SER A 305 -7.48 -15.56 -9.66
C SER A 305 -8.86 -16.07 -9.40
N VAL A 306 -9.46 -15.63 -8.32
CA VAL A 306 -10.79 -16.10 -7.92
C VAL A 306 -11.87 -15.23 -8.55
N TYR A 307 -11.74 -13.91 -8.45
CA TYR A 307 -12.66 -12.99 -9.11
C TYR A 307 -12.23 -12.74 -10.55
N THR A 308 -12.44 -13.76 -11.39
CA THR A 308 -11.84 -13.78 -12.72
C THR A 308 -12.62 -12.95 -13.73
N ASP A 309 -13.50 -12.07 -13.26
CA ASP A 309 -14.26 -11.21 -14.13
C ASP A 309 -13.77 -9.78 -13.99
N ASP A 310 -13.67 -9.07 -15.11
CA ASP A 310 -13.08 -7.73 -15.09
C ASP A 310 -13.88 -6.77 -14.24
N GLU A 311 -15.21 -6.90 -14.25
CA GLU A 311 -16.04 -6.00 -13.46
C GLU A 311 -15.94 -6.31 -11.98
N GLU A 312 -16.00 -7.59 -11.60
CA GLU A 312 -15.96 -7.95 -10.19
C GLU A 312 -14.57 -7.72 -9.60
N ARG A 313 -13.53 -8.00 -10.38
CA ARG A 313 -12.17 -7.81 -9.90
C ARG A 313 -11.95 -6.37 -9.48
N GLY A 314 -12.55 -5.43 -10.22
CA GLY A 314 -12.40 -4.03 -9.87
C GLY A 314 -12.81 -3.73 -8.45
N ASN A 315 -14.04 -4.08 -8.07
CA ASN A 315 -14.54 -3.69 -6.77
C ASN A 315 -13.94 -4.55 -5.66
N VAL A 316 -13.57 -5.80 -5.97
CA VAL A 316 -12.92 -6.55 -4.90
C VAL A 316 -11.51 -6.02 -4.65
N MET A 317 -10.81 -5.57 -5.69
CA MET A 317 -9.54 -4.88 -5.47
C MET A 317 -9.77 -3.59 -4.71
N GLY A 318 -10.86 -2.88 -5.01
CA GLY A 318 -11.18 -1.67 -4.27
C GLY A 318 -11.37 -1.93 -2.79
N ILE A 319 -12.08 -3.01 -2.45
CA ILE A 319 -12.33 -3.32 -1.05
C ILE A 319 -11.03 -3.74 -0.35
N ALA A 320 -10.27 -4.63 -1.00
CA ALA A 320 -9.00 -5.04 -0.40
C ALA A 320 -8.07 -3.85 -0.21
N LEU A 321 -8.12 -2.88 -1.12
CA LEU A 321 -7.26 -1.71 -0.98
C LEU A 321 -7.75 -0.80 0.14
N GLY A 322 -9.06 -0.57 0.22
CA GLY A 322 -9.61 0.13 1.36
C GLY A 322 -9.26 -0.52 2.67
N GLY A 323 -8.90 -1.80 2.64
CA GLY A 323 -8.29 -2.42 3.80
C GLY A 323 -7.08 -1.66 4.32
N LEU A 324 -6.21 -1.20 3.42
CA LEU A 324 -5.03 -0.45 3.85
C LEU A 324 -5.41 0.88 4.47
N ALA A 325 -6.42 1.55 3.91
CA ALA A 325 -6.86 2.82 4.47
C ALA A 325 -7.47 2.62 5.85
N MET A 326 -8.31 1.61 6.02
CA MET A 326 -8.88 1.34 7.33
C MET A 326 -7.81 0.92 8.32
N GLY A 327 -6.74 0.30 7.85
CA GLY A 327 -5.65 -0.05 8.75
C GLY A 327 -4.83 1.14 9.19
N VAL A 328 -4.50 2.03 8.25
CA VAL A 328 -3.74 3.23 8.60
C VAL A 328 -4.58 4.15 9.47
N LEU A 329 -5.88 4.20 9.21
CA LEU A 329 -6.74 5.19 9.87
C LEU A 329 -7.00 4.82 11.32
N VAL A 330 -7.14 3.54 11.62
CA VAL A 330 -7.46 3.07 12.96
C VAL A 330 -6.19 2.57 13.67
N GLY A 331 -5.03 2.81 13.10
CA GLY A 331 -3.78 2.37 13.67
C GLY A 331 -3.34 3.20 14.88
N PRO A 332 -3.07 4.48 14.67
CA PRO A 332 -2.54 5.32 15.74
C PRO A 332 -3.44 5.39 16.96
N PRO A 333 -4.76 5.60 16.80
CA PRO A 333 -5.58 5.73 18.02
C PRO A 333 -5.61 4.45 18.85
N PHE A 334 -5.84 3.31 18.21
CA PHE A 334 -5.80 2.03 18.91
C PHE A 334 -4.47 1.84 19.60
N GLY A 335 -3.38 2.09 18.88
CA GLY A 335 -2.06 1.93 19.46
C GLY A 335 -1.86 2.80 20.69
N SER A 336 -2.24 4.05 20.61
CA SER A 336 -2.05 4.96 21.73
C SER A 336 -2.88 4.53 22.92
N VAL A 337 -4.16 4.31 22.72
CA VAL A 337 -5.04 4.03 23.85
C VAL A 337 -4.60 2.74 24.55
N LEU A 338 -4.31 1.69 23.78
CA LEU A 338 -3.87 0.45 24.40
C LEU A 338 -2.48 0.60 24.99
N TYR A 339 -1.67 1.51 24.45
CA TYR A 339 -0.35 1.75 24.99
C TYR A 339 -0.43 2.33 26.39
N GLU A 340 -1.13 3.46 26.55
CA GLU A 340 -1.03 4.15 27.82
C GLU A 340 -2.08 3.70 28.82
N PHE A 341 -3.24 3.23 28.36
CA PHE A 341 -4.23 2.79 29.34
C PHE A 341 -3.97 1.38 29.86
N VAL A 342 -3.11 0.60 29.21
CA VAL A 342 -2.79 -0.74 29.70
C VAL A 342 -1.29 -0.88 29.91
N GLY A 343 -0.51 -0.74 28.85
CA GLY A 343 0.93 -0.88 28.97
C GLY A 343 1.62 -0.81 27.63
N LYS A 344 2.95 -0.78 27.66
CA LYS A 344 3.73 -0.64 26.42
C LYS A 344 3.85 -1.93 25.64
N THR A 345 3.57 -3.05 26.29
CA THR A 345 3.53 -4.30 25.51
C THR A 345 2.12 -4.62 25.05
N ALA A 346 1.13 -3.92 25.59
CA ALA A 346 -0.28 -4.14 25.28
C ALA A 346 -0.61 -4.03 23.81
N PRO A 347 -0.21 -2.95 23.10
CA PRO A 347 -0.66 -2.80 21.70
C PRO A 347 -0.24 -3.97 20.84
N PHE A 348 1.02 -4.37 20.97
CA PHE A 348 1.54 -5.45 20.16
C PHE A 348 0.99 -6.81 20.55
N LEU A 349 0.73 -7.06 21.84
CA LEU A 349 0.14 -8.35 22.19
C LEU A 349 -1.30 -8.45 21.73
N VAL A 350 -2.07 -7.35 21.80
CA VAL A 350 -3.43 -7.40 21.29
C VAL A 350 -3.44 -7.53 19.77
N LEU A 351 -2.53 -6.84 19.09
CA LEU A 351 -2.41 -7.01 17.64
C LEU A 351 -1.98 -8.43 17.30
N ALA A 352 -1.17 -9.06 18.16
CA ALA A 352 -0.79 -10.45 17.95
C ALA A 352 -1.98 -11.39 18.09
N ALA A 353 -2.83 -11.13 19.09
CA ALA A 353 -4.06 -11.91 19.21
C ALA A 353 -4.95 -11.74 17.99
N LEU A 354 -5.06 -10.53 17.48
CA LEU A 354 -5.84 -10.30 16.27
C LEU A 354 -5.24 -11.04 15.08
N VAL A 355 -3.92 -11.01 14.93
CA VAL A 355 -3.25 -11.74 13.87
C VAL A 355 -3.48 -13.22 14.00
N LEU A 356 -3.56 -13.72 15.22
CA LEU A 356 -3.83 -15.13 15.42
C LEU A 356 -5.24 -15.48 15.00
N LEU A 357 -6.21 -14.66 15.38
CA LEU A 357 -7.58 -14.92 14.96
C LEU A 357 -7.70 -14.88 13.44
N ASP A 358 -7.03 -13.91 12.80
CA ASP A 358 -7.03 -13.86 11.34
C ASP A 358 -6.37 -15.10 10.75
N GLY A 359 -5.32 -15.60 11.40
CA GLY A 359 -4.69 -16.82 10.94
C GLY A 359 -5.55 -18.04 11.13
N ALA A 360 -6.37 -18.05 12.17
CA ALA A 360 -7.33 -19.13 12.33
C ALA A 360 -8.36 -19.12 11.21
N ILE A 361 -8.88 -17.92 10.90
CA ILE A 361 -9.78 -17.79 9.74
C ILE A 361 -9.07 -18.24 8.47
N GLN A 362 -7.79 -17.92 8.32
CA GLN A 362 -7.05 -18.33 7.13
C GLN A 362 -6.97 -19.83 7.04
N LEU A 363 -6.59 -20.47 8.15
CA LEU A 363 -6.45 -21.92 8.16
C LEU A 363 -7.78 -22.64 7.99
N PHE A 364 -8.89 -22.00 8.35
CA PHE A 364 -10.19 -22.62 8.19
C PHE A 364 -10.83 -22.35 6.82
N VAL A 365 -10.38 -21.31 6.12
CA VAL A 365 -10.94 -21.02 4.79
C VAL A 365 -10.03 -21.59 3.71
N LEU A 366 -8.73 -21.28 3.77
CA LEU A 366 -7.84 -21.63 2.67
C LEU A 366 -7.42 -23.10 2.74
N GLN A 367 -7.17 -23.61 3.94
CA GLN A 367 -6.65 -24.95 4.14
C GLN A 367 -5.34 -25.12 3.37
N PRO A 368 -4.26 -24.50 3.84
CA PRO A 368 -3.02 -24.49 3.06
C PRO A 368 -2.22 -25.78 3.16
N SER A 369 -2.88 -26.87 3.55
CA SER A 369 -2.17 -28.10 3.88
C SER A 369 -1.28 -28.58 2.75
N ARG A 370 -1.80 -28.65 1.53
CA ARG A 370 -1.00 -29.21 0.44
C ARG A 370 -0.50 -28.23 -0.64
N VAL A 371 0.68 -28.50 -1.19
CA VAL A 371 1.22 -27.65 -2.26
C VAL A 371 0.54 -27.95 -3.58
N GLN A 372 -0.08 -26.94 -4.18
CA GLN A 372 -0.77 -27.09 -5.45
C GLN A 372 -0.20 -26.11 -6.47
N PRO A 373 0.59 -26.55 -7.44
CA PRO A 373 1.13 -25.63 -8.43
C PRO A 373 0.05 -25.16 -9.38
N GLU A 374 0.31 -24.03 -10.03
CA GLU A 374 -0.63 -23.51 -11.01
C GLU A 374 -0.74 -24.46 -12.20
N SER A 375 -1.87 -24.37 -12.90
CA SER A 375 -2.09 -25.27 -14.03
C SER A 375 -1.12 -25.00 -15.17
N GLN A 376 -0.80 -23.72 -15.40
CA GLN A 376 0.08 -23.33 -16.48
C GLN A 376 1.18 -22.42 -15.95
N LYS A 377 2.35 -22.51 -16.55
CA LYS A 377 3.47 -21.71 -16.11
C LYS A 377 3.30 -20.28 -16.51
N GLY A 378 3.33 -19.41 -15.52
CA GLY A 378 3.13 -18.00 -15.80
C GLY A 378 4.29 -17.41 -16.57
N THR A 379 4.00 -16.34 -17.31
CA THR A 379 5.02 -15.67 -18.09
C THR A 379 6.12 -15.13 -17.17
N PRO A 380 7.38 -15.18 -17.60
CA PRO A 380 8.47 -14.75 -16.74
C PRO A 380 8.34 -13.29 -16.34
N LEU A 381 9.15 -12.90 -15.35
CA LEU A 381 9.05 -11.54 -14.83
C LEU A 381 9.65 -10.53 -15.79
N THR A 382 10.72 -10.91 -16.51
CA THR A 382 11.36 -9.96 -17.41
C THR A 382 10.46 -9.62 -18.59
N THR A 383 9.77 -10.62 -19.14
CA THR A 383 8.84 -10.37 -20.24
C THR A 383 7.72 -9.43 -19.80
N LEU A 384 7.24 -9.59 -18.57
CA LEU A 384 6.28 -8.64 -18.03
C LEU A 384 6.88 -7.25 -17.94
N LEU A 385 8.11 -7.15 -17.43
CA LEU A 385 8.72 -5.84 -17.25
C LEU A 385 9.08 -5.16 -18.56
N LYS A 386 9.06 -5.88 -19.67
CA LYS A 386 9.33 -5.23 -20.94
C LYS A 386 8.05 -4.72 -21.59
N ASP A 387 6.92 -4.90 -20.92
CA ASP A 387 5.65 -4.49 -21.50
C ASP A 387 5.42 -3.03 -21.23
N PRO A 388 5.22 -2.26 -22.29
CA PRO A 388 5.05 -0.83 -22.11
C PRO A 388 3.84 -0.49 -21.28
N TYR A 389 2.83 -1.34 -21.24
CA TYR A 389 1.58 -1.06 -20.55
C TYR A 389 1.65 -1.44 -19.08
N ILE A 390 2.24 -2.60 -18.78
CA ILE A 390 2.44 -2.98 -17.39
C ILE A 390 3.37 -1.98 -16.72
N LEU A 391 4.36 -1.47 -17.46
CA LEU A 391 5.24 -0.45 -16.92
C LEU A 391 4.50 0.86 -16.67
N ILE A 392 3.55 1.22 -17.55
CA ILE A 392 2.80 2.46 -17.34
C ILE A 392 1.91 2.34 -16.12
N ALA A 393 1.24 1.20 -15.95
CA ALA A 393 0.42 1.00 -14.77
C ALA A 393 1.27 1.05 -13.50
N ALA A 394 2.37 0.31 -13.49
CA ALA A 394 3.26 0.31 -12.32
C ALA A 394 3.82 1.69 -12.05
N GLY A 395 4.10 2.46 -13.10
CA GLY A 395 4.66 3.79 -12.90
C GLY A 395 3.64 4.76 -12.34
N SER A 396 2.38 4.61 -12.72
CA SER A 396 1.34 5.47 -12.18
C SER A 396 1.13 5.18 -10.72
N ILE A 397 1.10 3.91 -10.36
CA ILE A 397 0.99 3.54 -8.94
C ILE A 397 2.23 4.00 -8.17
N CYS A 398 3.40 3.87 -8.77
CA CYS A 398 4.63 4.25 -8.10
C CYS A 398 4.68 5.74 -7.83
N PHE A 399 4.32 6.56 -8.80
CA PHE A 399 4.43 8.00 -8.61
C PHE A 399 3.34 8.55 -7.71
N ALA A 400 2.12 8.02 -7.79
CA ALA A 400 1.10 8.41 -6.82
C ALA A 400 1.55 8.10 -5.40
N ASN A 401 1.91 6.85 -5.13
CA ASN A 401 2.28 6.50 -3.77
C ASN A 401 3.61 7.11 -3.34
N MET A 402 4.51 7.44 -4.25
CA MET A 402 5.73 8.12 -3.84
C MET A 402 5.42 9.56 -3.45
N GLY A 403 4.51 10.22 -4.19
CA GLY A 403 4.05 11.52 -3.76
C GLY A 403 3.50 11.50 -2.35
N ILE A 404 2.57 10.59 -2.07
CA ILE A 404 1.97 10.57 -0.74
C ILE A 404 2.98 10.15 0.33
N ALA A 405 3.94 9.26 -0.01
CA ALA A 405 4.91 8.78 0.96
C ALA A 405 6.03 9.77 1.23
N MET A 406 6.28 10.69 0.32
CA MET A 406 7.17 11.81 0.60
C MET A 406 6.45 12.95 1.31
N LEU A 407 5.14 13.07 1.09
CA LEU A 407 4.39 14.13 1.77
C LEU A 407 4.20 13.82 3.24
N GLU A 408 3.82 12.61 3.59
CA GLU A 408 3.51 12.30 4.99
C GLU A 408 4.58 12.71 6.00
N PRO A 409 5.83 12.31 5.79
CA PRO A 409 6.83 12.71 6.80
C PRO A 409 7.32 14.14 6.67
N ALA A 410 7.21 14.73 5.48
CA ALA A 410 7.73 16.08 5.28
C ALA A 410 6.75 17.14 5.75
N LEU A 411 5.45 16.83 5.72
CA LEU A 411 4.44 17.80 6.13
C LEU A 411 4.56 18.22 7.58
N PRO A 412 4.76 17.33 8.56
CA PRO A 412 4.93 17.81 9.94
C PRO A 412 6.18 18.66 10.14
N ILE A 413 7.28 18.31 9.48
CA ILE A 413 8.51 19.07 9.63
C ILE A 413 8.35 20.48 9.10
N TRP A 414 7.42 20.69 8.18
CA TRP A 414 7.16 22.02 7.67
C TRP A 414 6.09 22.73 8.50
N MET A 415 5.14 21.97 9.06
CA MET A 415 4.06 22.58 9.82
C MET A 415 4.58 23.23 11.08
N MET A 416 5.54 22.59 11.76
CA MET A 416 6.10 23.16 12.97
C MET A 416 6.98 24.38 12.69
N GLU A 417 7.38 24.58 11.44
CA GLU A 417 8.23 25.71 11.07
C GLU A 417 7.46 26.89 10.53
N THR A 418 6.41 26.64 9.74
CA THR A 418 5.63 27.73 9.16
C THR A 418 4.39 28.08 9.96
N MET A 419 3.63 27.08 10.41
CA MET A 419 2.34 27.32 11.04
C MET A 419 2.39 27.34 12.56
N CYS A 420 3.52 26.98 13.17
CA CYS A 420 3.67 26.97 14.63
C CYS A 420 2.62 26.05 15.27
N SER A 421 2.37 24.94 14.62
CA SER A 421 1.31 24.05 15.09
C SER A 421 1.67 23.19 16.27
N ARG A 422 0.67 22.88 17.09
CA ARG A 422 0.89 22.02 18.24
C ARG A 422 1.09 20.59 17.77
N LYS A 423 1.37 19.68 18.69
CA LYS A 423 1.65 18.31 18.30
C LYS A 423 0.38 17.55 17.94
N TRP A 424 -0.76 17.90 18.55
CA TRP A 424 -2.00 17.28 18.16
C TRP A 424 -2.39 17.68 16.74
N GLN A 425 -2.05 18.92 16.36
CA GLN A 425 -2.33 19.38 15.01
C GLN A 425 -1.58 18.54 13.98
N LEU A 426 -0.37 18.11 14.32
CA LEU A 426 0.44 17.35 13.36
C LEU A 426 -0.20 16.00 13.07
N GLY A 427 -0.82 15.40 14.08
CA GLY A 427 -1.48 14.13 13.89
C GLY A 427 -2.84 14.27 13.23
N VAL A 428 -3.51 15.40 13.45
CA VAL A 428 -4.84 15.57 12.88
C VAL A 428 -4.76 16.05 11.43
N ALA A 429 -3.70 16.75 11.04
CA ALA A 429 -3.64 17.33 9.71
C ALA A 429 -3.56 16.27 8.62
N PHE A 430 -3.26 15.02 8.97
CA PHE A 430 -3.12 14.01 7.94
C PHE A 430 -4.33 13.06 7.92
N LEU A 431 -5.34 13.34 8.72
CA LEU A 431 -6.54 12.52 8.75
C LEU A 431 -7.26 12.55 7.40
N PRO A 432 -7.45 13.72 6.75
CA PRO A 432 -8.19 13.72 5.48
C PRO A 432 -7.63 12.78 4.45
N ALA A 433 -6.31 12.55 4.47
CA ALA A 433 -5.70 11.66 3.50
C ALA A 433 -6.21 10.24 3.64
N SER A 434 -6.21 9.72 4.85
CA SER A 434 -6.63 8.35 5.08
C SER A 434 -8.12 8.12 4.87
N ILE A 435 -8.94 9.00 5.40
CA ILE A 435 -10.39 8.90 5.20
C ILE A 435 -10.73 9.04 3.73
N SER A 436 -10.06 9.96 3.04
CA SER A 436 -10.30 10.16 1.62
C SER A 436 -9.82 9.00 0.79
N TYR A 437 -8.71 8.36 1.16
CA TYR A 437 -8.25 7.17 0.45
C TYR A 437 -9.23 6.03 0.64
N LEU A 438 -9.79 5.90 1.84
CA LEU A 438 -10.82 4.89 2.10
C LEU A 438 -12.02 5.11 1.19
N ILE A 439 -12.57 6.32 1.20
CA ILE A 439 -13.72 6.63 0.36
C ILE A 439 -13.39 6.44 -1.11
N GLY A 440 -12.21 6.89 -1.53
CA GLY A 440 -11.84 6.82 -2.93
C GLY A 440 -11.71 5.39 -3.43
N THR A 441 -11.02 4.54 -2.69
CA THR A 441 -10.89 3.15 -3.10
C THR A 441 -12.25 2.47 -3.14
N ASN A 442 -13.04 2.60 -2.07
CA ASN A 442 -14.29 1.86 -2.00
C ASN A 442 -15.30 2.34 -3.04
N ILE A 443 -15.21 3.61 -3.45
CA ILE A 443 -16.14 4.09 -4.47
C ILE A 443 -15.63 3.77 -5.87
N PHE A 444 -14.33 3.92 -6.10
CA PHE A 444 -13.84 3.83 -7.46
C PHE A 444 -13.54 2.40 -7.90
N GLY A 445 -13.41 1.46 -6.98
CA GLY A 445 -13.44 0.07 -7.40
C GLY A 445 -14.64 -0.23 -8.26
N ILE A 446 -15.75 0.42 -7.96
CA ILE A 446 -16.98 0.19 -8.70
C ILE A 446 -17.18 1.23 -9.77
N LEU A 447 -16.65 2.42 -9.58
CA LEU A 447 -16.89 3.46 -10.57
C LEU A 447 -15.95 3.41 -11.76
N ALA A 448 -14.72 2.92 -11.57
CA ALA A 448 -13.70 3.02 -12.61
C ALA A 448 -14.04 2.20 -13.84
N HIS A 449 -14.70 1.06 -13.68
CA HIS A 449 -15.03 0.26 -14.85
C HIS A 449 -16.18 0.84 -15.64
N LYS A 450 -17.05 1.62 -15.00
CA LYS A 450 -18.09 2.33 -15.75
C LYS A 450 -17.50 3.56 -16.44
N MET A 451 -16.58 4.24 -15.77
CA MET A 451 -15.94 5.42 -16.34
C MET A 451 -14.86 5.03 -17.34
N GLY A 452 -14.17 3.93 -17.09
CA GLY A 452 -13.03 3.54 -17.89
C GLY A 452 -11.78 3.67 -17.05
N ARG A 453 -11.05 2.57 -16.84
CA ARG A 453 -9.93 2.60 -15.91
C ARG A 453 -8.85 3.57 -16.35
N TRP A 454 -8.63 3.72 -17.66
CA TRP A 454 -7.63 4.67 -18.13
C TRP A 454 -8.00 6.08 -17.74
N LEU A 455 -9.27 6.46 -17.88
CA LEU A 455 -9.68 7.82 -17.57
C LEU A 455 -9.65 8.07 -16.07
N CYS A 456 -10.05 7.07 -15.28
CA CYS A 456 -9.97 7.21 -13.84
C CYS A 456 -8.53 7.38 -13.39
N ALA A 457 -7.59 6.63 -13.98
CA ALA A 457 -6.19 6.78 -13.62
C ALA A 457 -5.64 8.13 -14.04
N LEU A 458 -5.99 8.60 -15.24
CA LEU A 458 -5.54 9.91 -15.70
C LEU A 458 -6.02 11.01 -14.77
N LEU A 459 -7.32 11.00 -14.44
CA LEU A 459 -7.87 12.02 -13.57
C LEU A 459 -7.30 11.92 -12.16
N GLY A 460 -7.05 10.70 -11.66
CA GLY A 460 -6.44 10.57 -10.35
C GLY A 460 -5.03 11.13 -10.32
N MET A 461 -4.27 10.89 -11.38
CA MET A 461 -2.92 11.46 -11.47
C MET A 461 -2.96 12.97 -11.50
N ILE A 462 -3.86 13.55 -12.31
CA ILE A 462 -3.94 15.01 -12.40
C ILE A 462 -4.40 15.61 -11.07
N ILE A 463 -5.30 14.94 -10.36
CA ILE A 463 -5.78 15.48 -9.08
C ILE A 463 -4.70 15.36 -8.01
N VAL A 464 -3.96 14.26 -7.97
CA VAL A 464 -2.82 14.18 -7.06
C VAL A 464 -1.84 15.31 -7.35
N GLY A 465 -1.52 15.53 -8.61
CA GLY A 465 -0.62 16.59 -8.99
C GLY A 465 -1.09 17.96 -8.53
N VAL A 466 -2.34 18.31 -8.83
CA VAL A 466 -2.84 19.62 -8.47
C VAL A 466 -2.92 19.78 -6.95
N SER A 467 -3.42 18.77 -6.26
CA SER A 467 -3.53 18.83 -4.82
C SER A 467 -2.18 19.02 -4.16
N ILE A 468 -1.16 18.31 -4.63
CA ILE A 468 0.16 18.45 -4.02
C ILE A 468 0.78 19.78 -4.41
N LEU A 469 0.53 20.26 -5.63
CA LEU A 469 0.94 21.61 -6.00
C LEU A 469 0.26 22.68 -5.16
N CYS A 470 -0.86 22.35 -4.50
CA CYS A 470 -1.62 23.34 -3.74
C CYS A 470 -1.51 23.18 -2.23
N ILE A 471 -0.59 22.37 -1.74
CA ILE A 471 -0.33 22.27 -0.30
C ILE A 471 0.56 23.40 0.20
N PRO A 472 1.68 23.73 -0.45
CA PRO A 472 2.55 24.79 0.06
C PRO A 472 1.89 26.17 0.12
N PHE A 473 0.73 26.35 -0.49
CA PHE A 473 0.06 27.64 -0.50
C PHE A 473 -0.83 27.86 0.71
N ALA A 474 -0.87 26.90 1.63
CA ALA A 474 -1.75 26.95 2.78
C ALA A 474 -1.03 27.60 3.95
N LYS A 475 -1.70 28.54 4.62
CA LYS A 475 -1.10 29.26 5.72
C LYS A 475 -1.41 28.64 7.09
N ASN A 476 -2.64 28.16 7.25
CA ASN A 476 -3.06 27.57 8.51
C ASN A 476 -3.50 26.12 8.34
N ILE A 477 -3.78 25.44 9.45
CA ILE A 477 -4.18 24.04 9.38
C ILE A 477 -5.44 23.81 8.58
N TYR A 478 -6.37 24.77 8.59
CA TYR A 478 -7.57 24.64 7.77
C TYR A 478 -7.26 24.76 6.29
N GLY A 479 -6.05 25.18 5.94
CA GLY A 479 -5.64 25.17 4.55
C GLY A 479 -5.06 23.86 4.06
N LEU A 480 -4.83 22.91 4.96
CA LEU A 480 -4.37 21.58 4.59
C LEU A 480 -5.46 20.53 4.71
N ILE A 481 -6.73 20.92 4.65
CA ILE A 481 -7.83 19.96 4.67
C ILE A 481 -8.22 19.63 3.24
N ALA A 482 -8.54 20.64 2.45
CA ALA A 482 -8.94 20.42 1.06
C ALA A 482 -7.83 19.81 0.22
N PRO A 483 -6.59 20.31 0.23
CA PRO A 483 -5.56 19.66 -0.60
C PRO A 483 -5.21 18.26 -0.14
N ASN A 484 -5.17 18.00 1.17
CA ASN A 484 -4.91 16.63 1.62
C ASN A 484 -6.06 15.71 1.25
N PHE A 485 -7.29 16.21 1.33
CA PHE A 485 -8.42 15.42 0.85
C PHE A 485 -8.25 15.07 -0.61
N GLY A 486 -7.91 16.05 -1.44
CA GLY A 486 -7.69 15.77 -2.85
C GLY A 486 -6.59 14.76 -3.08
N VAL A 487 -5.48 14.90 -2.35
CA VAL A 487 -4.36 13.98 -2.47
C VAL A 487 -4.82 12.55 -2.20
N GLY A 488 -5.44 12.32 -1.04
CA GLY A 488 -5.83 10.97 -0.69
C GLY A 488 -6.90 10.41 -1.61
N PHE A 489 -7.92 11.22 -1.90
CA PHE A 489 -8.98 10.81 -2.81
C PHE A 489 -8.41 10.36 -4.13
N ALA A 490 -7.43 11.09 -4.67
CA ALA A 490 -6.89 10.74 -5.96
C ALA A 490 -5.89 9.59 -5.90
N ILE A 491 -5.18 9.41 -4.78
CA ILE A 491 -4.39 8.20 -4.63
C ILE A 491 -5.28 6.98 -4.70
N GLY A 492 -6.46 7.04 -4.07
CA GLY A 492 -7.41 5.96 -4.22
C GLY A 492 -7.94 5.83 -5.63
N MET A 493 -8.31 6.96 -6.24
CA MET A 493 -8.73 7.01 -7.64
C MET A 493 -7.72 6.36 -8.57
N VAL A 494 -6.44 6.35 -8.19
CA VAL A 494 -5.41 5.77 -9.06
C VAL A 494 -5.19 4.30 -8.73
N ASP A 495 -5.06 3.95 -7.46
CA ASP A 495 -4.77 2.56 -7.08
C ASP A 495 -5.94 1.62 -7.35
N SER A 496 -7.16 2.04 -7.07
CA SER A 496 -8.33 1.22 -7.36
C SER A 496 -8.62 1.13 -8.84
N SER A 497 -7.93 1.90 -9.67
CA SER A 497 -8.07 1.80 -11.12
C SER A 497 -6.92 1.08 -11.78
N MET A 498 -5.75 1.06 -11.16
CA MET A 498 -4.57 0.49 -11.77
C MET A 498 -4.20 -0.89 -11.23
N MET A 499 -4.83 -1.37 -10.15
CA MET A 499 -4.59 -2.77 -9.81
C MET A 499 -5.39 -3.73 -10.70
N PRO A 500 -6.71 -3.54 -10.82
CA PRO A 500 -7.47 -4.39 -11.75
C PRO A 500 -6.93 -4.32 -13.16
N ILE A 501 -6.28 -3.23 -13.53
CA ILE A 501 -5.79 -3.11 -14.88
C ILE A 501 -4.58 -3.99 -14.98
N MET A 502 -3.81 -4.09 -13.91
CA MET A 502 -2.69 -5.02 -13.94
C MET A 502 -3.17 -6.42 -14.24
N GLY A 503 -4.17 -6.88 -13.48
CA GLY A 503 -4.75 -8.19 -13.77
C GLY A 503 -5.26 -8.31 -15.19
N TYR A 504 -5.90 -7.25 -15.69
CA TYR A 504 -6.47 -7.28 -17.02
C TYR A 504 -5.39 -7.30 -18.10
N LEU A 505 -4.34 -6.51 -17.92
CA LEU A 505 -3.27 -6.50 -18.91
C LEU A 505 -2.57 -7.84 -18.99
N VAL A 506 -2.43 -8.52 -17.85
CA VAL A 506 -1.85 -9.85 -17.91
C VAL A 506 -2.80 -10.83 -18.60
N ASP A 507 -4.10 -10.75 -18.30
CA ASP A 507 -5.06 -11.63 -18.94
C ASP A 507 -5.09 -11.46 -20.45
N LEU A 508 -5.05 -10.20 -20.90
CA LEU A 508 -5.31 -9.89 -22.30
C LEU A 508 -4.11 -10.20 -23.19
N ARG A 509 -2.89 -9.95 -22.73
CA ARG A 509 -1.70 -10.13 -23.54
C ARG A 509 -0.89 -11.35 -23.16
N HIS A 510 -0.55 -11.50 -21.89
CA HIS A 510 0.29 -12.61 -21.44
C HIS A 510 -0.60 -13.75 -20.93
N VAL A 511 -0.01 -14.70 -20.23
CA VAL A 511 -0.72 -15.86 -19.69
C VAL A 511 -1.45 -15.45 -18.42
N SER A 512 -2.60 -16.06 -18.18
CA SER A 512 -3.39 -15.73 -17.00
C SER A 512 -2.81 -16.22 -15.68
N VAL A 513 -1.68 -15.67 -15.26
CA VAL A 513 -1.12 -16.01 -13.96
C VAL A 513 -0.90 -14.64 -13.36
N TYR A 514 -1.41 -14.40 -12.16
CA TYR A 514 -1.37 -13.07 -11.58
C TYR A 514 -0.37 -12.92 -10.44
N GLY A 515 0.51 -13.87 -10.25
CA GLY A 515 1.41 -13.75 -9.13
C GLY A 515 2.46 -12.71 -9.37
N SER A 516 3.10 -12.76 -10.53
CA SER A 516 4.19 -11.86 -10.81
C SER A 516 3.70 -10.44 -11.04
N VAL A 517 2.68 -10.26 -11.86
CA VAL A 517 2.25 -8.90 -12.16
C VAL A 517 1.82 -8.17 -10.90
N TYR A 518 1.25 -8.88 -9.91
CA TYR A 518 0.93 -8.23 -8.66
C TYR A 518 2.14 -8.11 -7.75
N ALA A 519 3.16 -8.95 -7.95
CA ALA A 519 4.46 -8.66 -7.36
C ALA A 519 5.05 -7.37 -7.94
N ILE A 520 4.85 -7.12 -9.23
CA ILE A 520 5.30 -5.87 -9.83
C ILE A 520 4.53 -4.68 -9.27
N ALA A 521 3.21 -4.83 -9.14
CA ALA A 521 2.40 -3.76 -8.56
C ALA A 521 2.82 -3.46 -7.12
N ASP A 522 3.14 -4.50 -6.36
CA ASP A 522 3.58 -4.31 -4.98
C ASP A 522 5.00 -3.79 -4.89
N VAL A 523 5.76 -3.89 -5.97
CA VAL A 523 7.09 -3.32 -5.97
C VAL A 523 6.92 -1.85 -6.27
N ALA A 524 5.96 -1.54 -7.12
CA ALA A 524 5.67 -0.13 -7.39
C ALA A 524 5.16 0.57 -6.14
N PHE A 525 4.31 -0.10 -5.36
CA PHE A 525 3.88 0.45 -4.08
C PHE A 525 5.08 0.70 -3.17
N CYS A 526 5.90 -0.34 -2.96
CA CYS A 526 6.95 -0.30 -1.93
C CYS A 526 8.10 0.62 -2.29
N MET A 527 8.35 0.87 -3.58
CA MET A 527 9.38 1.83 -3.96
C MET A 527 9.14 3.18 -3.30
N GLY A 528 7.90 3.65 -3.33
CA GLY A 528 7.58 4.92 -2.71
C GLY A 528 7.81 4.90 -1.21
N TYR A 529 7.28 3.90 -0.51
CA TYR A 529 7.42 3.89 0.94
C TYR A 529 8.83 3.55 1.41
N ALA A 530 9.69 3.09 0.50
CA ALA A 530 11.09 2.88 0.84
C ALA A 530 11.93 4.12 0.63
N ILE A 531 11.79 4.80 -0.50
CA ILE A 531 12.60 5.96 -0.79
C ILE A 531 11.87 7.27 -0.49
N GLY A 532 10.74 7.20 0.22
CA GLY A 532 9.98 8.38 0.54
C GLY A 532 10.59 9.22 1.63
N PRO A 533 10.64 8.69 2.85
CA PRO A 533 11.21 9.45 3.96
C PRO A 533 12.58 10.04 3.66
N SER A 534 13.53 9.18 3.26
CA SER A 534 14.91 9.60 3.04
C SER A 534 15.04 10.66 1.95
N ALA A 535 14.58 10.34 0.74
CA ALA A 535 14.74 11.28 -0.38
C ALA A 535 13.93 12.54 -0.17
N GLY A 536 12.73 12.42 0.40
CA GLY A 536 11.92 13.59 0.65
C GLY A 536 12.56 14.52 1.66
N GLY A 537 13.07 13.96 2.76
CA GLY A 537 13.78 14.78 3.72
C GLY A 537 15.03 15.40 3.14
N ALA A 538 15.74 14.67 2.28
CA ALA A 538 16.93 15.23 1.66
C ALA A 538 16.59 16.42 0.77
N ILE A 539 15.56 16.27 -0.07
CA ILE A 539 15.17 17.37 -0.96
C ILE A 539 14.65 18.55 -0.15
N ALA A 540 13.87 18.30 0.89
CA ALA A 540 13.34 19.40 1.70
C ALA A 540 14.45 20.08 2.47
N LYS A 541 15.51 19.36 2.80
CA LYS A 541 16.59 19.94 3.60
C LYS A 541 17.50 20.72 2.71
N ALA A 542 17.39 20.52 1.40
CA ALA A 542 18.29 21.18 0.47
C ALA A 542 17.64 22.35 -0.21
N ILE A 543 16.48 22.14 -0.83
CA ILE A 543 15.82 23.20 -1.56
C ILE A 543 14.47 23.58 -0.95
N GLY A 544 14.14 23.03 0.21
CA GLY A 544 12.92 23.42 0.89
C GLY A 544 11.76 22.48 0.58
N PHE A 545 10.69 22.63 1.36
CA PHE A 545 9.50 21.82 1.23
C PHE A 545 8.59 22.30 0.10
N PRO A 546 8.37 23.61 -0.08
CA PRO A 546 7.56 24.04 -1.24
C PRO A 546 8.08 23.54 -2.57
N TRP A 547 9.40 23.55 -2.77
CA TRP A 547 9.94 23.07 -4.04
C TRP A 547 9.80 21.56 -4.18
N LEU A 548 9.92 20.82 -3.07
CA LEU A 548 9.68 19.38 -3.14
C LEU A 548 8.25 19.09 -3.57
N MET A 549 7.28 19.81 -2.99
CA MET A 549 5.89 19.59 -3.37
C MET A 549 5.64 20.02 -4.81
N THR A 550 6.26 21.11 -5.26
CA THR A 550 6.10 21.52 -6.65
C THR A 550 6.69 20.48 -7.59
N ILE A 551 7.85 19.91 -7.25
CA ILE A 551 8.45 18.88 -8.09
C ILE A 551 7.54 17.68 -8.20
N ILE A 552 7.00 17.22 -7.06
CA ILE A 552 6.14 16.04 -7.09
C ILE A 552 4.87 16.32 -7.88
N GLY A 553 4.27 17.49 -7.70
CA GLY A 553 3.10 17.82 -8.47
C GLY A 553 3.38 17.89 -9.96
N ILE A 554 4.50 18.50 -10.34
CA ILE A 554 4.86 18.59 -11.75
C ILE A 554 5.06 17.22 -12.35
N ILE A 555 5.72 16.32 -11.60
CA ILE A 555 5.97 14.98 -12.12
C ILE A 555 4.65 14.22 -12.28
N ASP A 556 3.73 14.37 -11.33
CA ASP A 556 2.45 13.66 -11.44
C ASP A 556 1.62 14.19 -12.61
N ILE A 557 1.56 15.52 -12.76
CA ILE A 557 0.77 16.08 -13.85
C ILE A 557 1.38 15.71 -15.20
N LEU A 558 2.71 15.70 -15.29
CA LEU A 558 3.34 15.35 -16.56
C LEU A 558 3.27 13.86 -16.83
N PHE A 559 3.14 13.03 -15.80
CA PHE A 559 2.99 11.60 -16.01
C PHE A 559 1.56 11.25 -16.42
N ALA A 560 0.58 12.03 -15.93
CA ALA A 560 -0.83 11.78 -16.23
C ALA A 560 -1.14 11.50 -17.70
N PRO A 561 -0.62 12.25 -18.69
CA PRO A 561 -1.00 11.95 -20.08
C PRO A 561 -0.56 10.59 -20.56
N LEU A 562 0.39 9.94 -19.88
CA LEU A 562 0.81 8.61 -20.27
C LEU A 562 -0.23 7.54 -19.98
N CYS A 563 -1.20 7.81 -19.12
CA CYS A 563 -2.28 6.87 -18.88
C CYS A 563 -3.27 6.82 -20.03
N PHE A 564 -3.12 7.70 -21.02
CA PHE A 564 -3.94 7.62 -22.23
C PHE A 564 -3.64 6.34 -22.99
N PHE A 565 -2.45 5.78 -22.81
CA PHE A 565 -2.04 4.60 -23.56
C PHE A 565 -2.60 3.33 -22.94
N LEU A 566 -3.56 3.48 -22.02
CA LEU A 566 -4.22 2.34 -21.40
C LEU A 566 -5.65 2.18 -21.88
N ARG A 567 -6.09 2.99 -22.84
CA ARG A 567 -7.46 2.92 -23.31
C ARG A 567 -7.75 1.60 -24.00
N SER A 568 -6.97 1.28 -25.03
CA SER A 568 -7.16 0.05 -25.79
C SER A 568 -5.80 -0.53 -26.15
N PRO A 569 -5.16 -1.23 -25.22
CA PRO A 569 -3.90 -1.88 -25.54
C PRO A 569 -4.16 -3.12 -26.38
N PRO A 570 -3.29 -3.40 -27.35
CA PRO A 570 -3.53 -4.53 -28.25
C PRO A 570 -3.26 -5.86 -27.58
N ALA A 571 -3.96 -6.88 -28.07
CA ALA A 571 -3.83 -8.23 -27.53
C ALA A 571 -2.61 -8.94 -28.13
#